data_6BL8
#
_entry.id   6BL8
#
_cell.length_a   105.840
_cell.length_b   131.050
_cell.length_c   57.020
_cell.angle_alpha   90.000
_cell.angle_beta   90.000
_cell.angle_gamma   90.000
#
_symmetry.space_group_name_H-M   'P 21 21 2'
#
loop_
_entity.id
_entity.type
_entity.pdbx_description
1 polymer 'Tyrosine-protein kinase ABL1'
2 non-polymer 'PURVALANOL B'
3 non-polymer 'SULFATE ION'
4 water water
#
_entity_poly.entity_id   1
_entity_poly.type   'polypeptide(L)'
_entity_poly.pdbx_seq_one_letter_code
;DKWEMERTDITMKHKLGGGQYGEVYEGVWKKYSLTVAVKTLKEDTMEVEEFLKEAAVMKEIKHPNLVQLLGVCTREPPFY
IITEFMTYGNLLDYLRECNRQEVSAVVLLYMATQISSAMEYLEKKNFIHRDLAARNCLVGENHLVKVADFGLSRLMTGDT
FTAHAGAKFPIKWTAPESLAYNKFSIKSDVWAFGVLLWEIATYGMSPYPGIDPSQVYELLEKDYRMERPEGCPEKVYELM
RACWQWNPSDRPSFAEIHQAFETMFQESSISD
;
_entity_poly.pdbx_strand_id   A,B
#
# COMPACT_ATOMS: atom_id res chain seq x y z
N ASP A 1 -6.31 -20.89 -39.47
CA ASP A 1 -6.58 -21.27 -38.08
C ASP A 1 -8.08 -21.52 -37.82
N LYS A 2 -8.39 -22.21 -36.71
CA LYS A 2 -9.76 -22.51 -36.27
C LYS A 2 -10.45 -21.24 -35.72
N TRP A 3 -9.74 -20.10 -35.74
CA TRP A 3 -10.28 -18.81 -35.29
C TRP A 3 -10.94 -18.04 -36.43
N GLU A 4 -10.56 -18.37 -37.69
CA GLU A 4 -11.09 -17.74 -38.90
C GLU A 4 -12.61 -17.88 -39.03
N MET A 5 -13.27 -16.77 -39.37
CA MET A 5 -14.71 -16.63 -39.51
C MET A 5 -15.10 -16.11 -40.87
N GLU A 6 -16.31 -16.44 -41.32
CA GLU A 6 -16.88 -15.88 -42.53
C GLU A 6 -17.37 -14.48 -42.17
N ARG A 7 -17.18 -13.49 -43.05
CA ARG A 7 -17.62 -12.09 -42.82
C ARG A 7 -19.15 -12.04 -42.65
N THR A 8 -19.87 -12.94 -43.37
CA THR A 8 -21.33 -13.09 -43.36
C THR A 8 -21.89 -13.67 -42.06
N ASP A 9 -21.02 -14.24 -41.18
CA ASP A 9 -21.43 -14.82 -39.89
C ASP A 9 -21.92 -13.73 -38.94
N ILE A 10 -21.37 -12.51 -39.10
CA ILE A 10 -21.70 -11.34 -38.29
C ILE A 10 -22.52 -10.31 -39.05
N THR A 11 -23.53 -9.77 -38.37
CA THR A 11 -24.33 -8.65 -38.87
C THR A 11 -24.01 -7.48 -37.96
N MET A 12 -23.60 -6.33 -38.53
CA MET A 12 -23.29 -5.14 -37.75
C MET A 12 -24.59 -4.50 -37.29
N LYS A 13 -24.58 -3.97 -36.06
CA LYS A 13 -25.76 -3.35 -35.50
C LYS A 13 -25.57 -1.85 -35.37
N HIS A 14 -24.56 -1.44 -34.63
CA HIS A 14 -24.27 -0.04 -34.35
C HIS A 14 -22.78 0.20 -34.21
N LYS A 15 -22.33 1.36 -34.65
CA LYS A 15 -20.96 1.80 -34.48
C LYS A 15 -20.86 2.30 -33.05
N LEU A 16 -19.93 1.78 -32.29
CA LEU A 16 -19.73 2.22 -30.89
C LEU A 16 -18.87 3.50 -30.79
N GLY A 17 -17.86 3.58 -31.65
CA GLY A 17 -16.94 4.69 -31.79
C GLY A 17 -15.70 4.21 -32.50
N GLY A 18 -14.56 4.48 -31.90
CA GLY A 18 -13.27 4.03 -32.39
C GLY A 18 -12.40 5.21 -32.65
N GLY A 19 -11.11 5.03 -32.44
CA GLY A 19 -10.18 6.13 -32.59
C GLY A 19 -8.95 5.89 -33.44
N GLN A 20 -7.81 5.73 -32.75
CA GLN A 20 -6.46 5.58 -33.28
C GLN A 20 -6.33 4.70 -34.51
N TYR A 21 -6.51 3.38 -34.33
CA TYR A 21 -6.26 2.44 -35.41
C TYR A 21 -7.49 1.70 -35.98
N GLY A 22 -8.67 1.97 -35.45
CA GLY A 22 -9.87 1.32 -35.93
C GLY A 22 -11.14 1.62 -35.16
N GLU A 23 -12.29 1.43 -35.85
CA GLU A 23 -13.62 1.59 -35.28
C GLU A 23 -14.05 0.30 -34.56
N VAL A 24 -14.96 0.47 -33.58
CA VAL A 24 -15.56 -0.64 -32.85
C VAL A 24 -17.06 -0.63 -33.14
N TYR A 25 -17.59 -1.81 -33.52
CA TYR A 25 -19.00 -2.00 -33.78
C TYR A 25 -19.59 -3.03 -32.86
N GLU A 26 -20.86 -2.86 -32.57
CA GLU A 26 -21.65 -3.87 -31.90
C GLU A 26 -22.22 -4.69 -33.07
N GLY A 27 -22.09 -5.97 -32.98
CA GLY A 27 -22.62 -6.88 -34.00
C GLY A 27 -23.33 -8.05 -33.39
N VAL A 28 -23.81 -8.95 -34.23
CA VAL A 28 -24.49 -10.16 -33.79
C VAL A 28 -23.90 -11.33 -34.55
N TRP A 29 -23.38 -12.32 -33.81
CA TRP A 29 -22.92 -13.59 -34.40
C TRP A 29 -24.20 -14.43 -34.49
N LYS A 30 -24.87 -14.41 -35.66
CA LYS A 30 -26.18 -15.04 -35.96
C LYS A 30 -26.29 -16.52 -35.56
N LYS A 31 -25.29 -17.36 -35.92
CA LYS A 31 -25.22 -18.79 -35.59
C LYS A 31 -25.39 -19.07 -34.07
N TYR A 32 -25.04 -18.11 -33.19
CA TYR A 32 -25.15 -18.31 -31.75
C TYR A 32 -26.06 -17.32 -31.04
N SER A 33 -26.80 -16.46 -31.79
CA SER A 33 -27.67 -15.42 -31.26
C SER A 33 -26.93 -14.55 -30.18
N LEU A 34 -25.60 -14.36 -30.39
CA LEU A 34 -24.70 -13.69 -29.45
C LEU A 34 -24.24 -12.30 -29.90
N THR A 35 -24.42 -11.29 -29.02
CA THR A 35 -23.96 -9.92 -29.25
C THR A 35 -22.46 -9.91 -29.06
N VAL A 36 -21.77 -9.35 -30.05
CA VAL A 36 -20.31 -9.30 -30.10
C VAL A 36 -19.86 -7.86 -30.38
N ALA A 37 -18.54 -7.63 -30.21
CA ALA A 37 -17.86 -6.38 -30.56
C ALA A 37 -16.90 -6.74 -31.72
N VAL A 38 -16.91 -5.90 -32.74
CA VAL A 38 -16.10 -6.07 -33.94
C VAL A 38 -15.12 -4.89 -34.05
N LYS A 39 -13.82 -5.21 -34.07
CA LYS A 39 -12.77 -4.19 -34.24
C LYS A 39 -12.38 -4.19 -35.70
N THR A 40 -12.48 -3.03 -36.35
CA THR A 40 -12.12 -2.89 -37.77
C THR A 40 -10.69 -2.32 -37.88
N LEU A 41 -10.14 -2.35 -39.10
CA LEU A 41 -8.82 -1.77 -39.34
C LEU A 41 -8.98 -0.45 -40.12
N LYS A 42 -8.45 0.65 -39.57
CA LYS A 42 -8.45 1.97 -40.20
C LYS A 42 -7.17 2.05 -41.05
N GLU A 43 -7.32 2.02 -42.40
CA GLU A 43 -6.18 2.08 -43.33
C GLU A 43 -5.38 3.38 -43.12
N ASP A 44 -4.03 3.29 -43.29
CA ASP A 44 -3.03 4.37 -43.11
C ASP A 44 -2.63 4.62 -41.64
N THR A 45 -3.32 4.00 -40.67
CA THR A 45 -2.95 4.18 -39.24
C THR A 45 -2.16 2.97 -38.74
N MET A 46 -2.52 1.77 -39.25
CA MET A 46 -1.91 0.51 -38.85
C MET A 46 -1.83 -0.46 -40.02
N GLU A 47 -0.64 -1.06 -40.18
CA GLU A 47 -0.36 -2.02 -41.23
C GLU A 47 -1.02 -3.35 -40.92
N VAL A 48 -1.44 -4.06 -41.98
CA VAL A 48 -2.15 -5.35 -41.99
C VAL A 48 -1.45 -6.42 -41.12
N GLU A 49 -0.13 -6.64 -41.32
CA GLU A 49 0.65 -7.62 -40.56
C GLU A 49 0.71 -7.30 -39.05
N GLU A 50 0.74 -5.99 -38.69
CA GLU A 50 0.75 -5.53 -37.30
C GLU A 50 -0.60 -5.83 -36.64
N PHE A 51 -1.72 -5.67 -37.40
CA PHE A 51 -3.09 -5.98 -37.00
C PHE A 51 -3.28 -7.51 -36.85
N LEU A 52 -2.83 -8.31 -37.84
CA LEU A 52 -2.93 -9.77 -37.80
C LEU A 52 -2.15 -10.34 -36.61
N LYS A 53 -0.98 -9.73 -36.24
CA LYS A 53 -0.18 -10.16 -35.09
C LYS A 53 -0.91 -9.94 -33.76
N GLU A 54 -1.72 -8.84 -33.65
CA GLU A 54 -2.55 -8.51 -32.48
C GLU A 54 -3.54 -9.65 -32.23
N ALA A 55 -4.17 -10.14 -33.32
CA ALA A 55 -5.15 -11.22 -33.30
C ALA A 55 -4.48 -12.53 -32.88
N ALA A 56 -3.23 -12.78 -33.37
CA ALA A 56 -2.45 -13.99 -33.09
C ALA A 56 -2.11 -14.08 -31.59
N VAL A 57 -1.79 -12.95 -30.96
CA VAL A 57 -1.52 -12.81 -29.54
C VAL A 57 -2.79 -13.08 -28.69
N MET A 58 -3.91 -12.45 -29.07
CA MET A 58 -5.22 -12.60 -28.41
C MET A 58 -5.71 -14.05 -28.40
N LYS A 59 -5.25 -14.85 -29.37
CA LYS A 59 -5.64 -16.25 -29.49
C LYS A 59 -5.16 -17.04 -28.27
N GLU A 60 -4.03 -16.63 -27.72
CA GLU A 60 -3.32 -17.27 -26.61
C GLU A 60 -3.80 -16.82 -25.23
N ILE A 61 -4.58 -15.74 -25.18
CA ILE A 61 -5.08 -15.12 -23.95
C ILE A 61 -6.40 -15.72 -23.49
N LYS A 62 -6.46 -16.25 -22.27
CA LYS A 62 -7.67 -16.83 -21.71
C LYS A 62 -7.76 -16.52 -20.21
N HIS A 63 -8.49 -15.45 -19.87
CA HIS A 63 -8.65 -15.04 -18.46
C HIS A 63 -10.03 -14.35 -18.29
N PRO A 64 -10.75 -14.55 -17.14
CA PRO A 64 -12.06 -13.88 -16.96
C PRO A 64 -12.02 -12.35 -16.96
N ASN A 65 -10.85 -11.74 -16.72
CA ASN A 65 -10.70 -10.29 -16.70
C ASN A 65 -9.93 -9.73 -17.86
N LEU A 66 -9.81 -10.56 -18.91
CA LEU A 66 -9.19 -10.14 -20.17
C LEU A 66 -10.19 -10.33 -21.26
N VAL A 67 -10.47 -9.26 -22.05
CA VAL A 67 -11.44 -9.32 -23.16
C VAL A 67 -11.16 -10.54 -24.07
N GLN A 68 -12.15 -11.42 -24.17
CA GLN A 68 -12.02 -12.67 -24.92
C GLN A 68 -12.21 -12.53 -26.43
N LEU A 69 -11.22 -13.05 -27.18
CA LEU A 69 -11.26 -13.15 -28.64
C LEU A 69 -12.24 -14.27 -28.98
N LEU A 70 -13.15 -13.99 -29.93
CA LEU A 70 -14.16 -14.93 -30.40
C LEU A 70 -13.86 -15.49 -31.79
N GLY A 71 -13.29 -14.66 -32.67
CA GLY A 71 -12.95 -15.03 -34.04
C GLY A 71 -12.30 -13.89 -34.81
N VAL A 72 -11.80 -14.16 -35.99
CA VAL A 72 -11.13 -13.16 -36.79
C VAL A 72 -11.47 -13.30 -38.25
N CYS A 73 -11.39 -12.22 -39.00
CA CYS A 73 -11.65 -12.23 -40.42
C CYS A 73 -10.45 -11.68 -41.11
N THR A 74 -9.57 -12.57 -41.54
CA THR A 74 -8.31 -12.19 -42.15
C THR A 74 -8.17 -12.38 -43.63
N ARG A 75 -8.77 -13.45 -44.16
CA ARG A 75 -8.71 -13.83 -45.57
C ARG A 75 -8.66 -12.69 -46.56
N GLU A 76 -9.59 -11.75 -46.47
CA GLU A 76 -9.59 -10.59 -47.34
C GLU A 76 -10.05 -9.35 -46.60
N PRO A 77 -9.89 -8.18 -47.18
CA PRO A 77 -10.32 -6.94 -46.53
C PRO A 77 -11.83 -6.74 -46.52
N PRO A 78 -12.34 -5.81 -45.72
CA PRO A 78 -11.68 -5.34 -44.51
C PRO A 78 -11.56 -6.39 -43.41
N PHE A 79 -10.46 -6.34 -42.68
CA PHE A 79 -10.19 -7.29 -41.62
C PHE A 79 -10.90 -6.91 -40.34
N TYR A 80 -11.31 -7.92 -39.60
CA TYR A 80 -12.03 -7.78 -38.37
C TYR A 80 -11.46 -8.61 -37.26
N ILE A 81 -11.58 -8.15 -36.05
CA ILE A 81 -11.22 -8.92 -34.89
C ILE A 81 -12.54 -8.95 -34.11
N ILE A 82 -13.07 -10.13 -33.84
CA ILE A 82 -14.34 -10.27 -33.14
C ILE A 82 -14.06 -10.72 -31.71
N THR A 83 -14.61 -9.96 -30.75
CA THR A 83 -14.45 -10.23 -29.32
C THR A 83 -15.85 -10.23 -28.67
N GLU A 84 -15.90 -10.59 -27.37
CA GLU A 84 -17.13 -10.51 -26.58
C GLU A 84 -17.49 -9.01 -26.42
N PHE A 85 -18.77 -8.73 -26.21
CA PHE A 85 -19.28 -7.38 -26.04
C PHE A 85 -19.36 -7.04 -24.56
N MET A 86 -18.83 -5.87 -24.20
CA MET A 86 -18.85 -5.32 -22.83
C MET A 86 -19.90 -4.24 -22.82
N THR A 87 -21.07 -4.55 -22.27
CA THR A 87 -22.29 -3.74 -22.29
C THR A 87 -22.17 -2.26 -21.83
N TYR A 88 -21.35 -1.93 -20.81
CA TYR A 88 -21.30 -0.55 -20.28
C TYR A 88 -20.15 0.33 -20.79
N GLY A 89 -19.40 -0.14 -21.79
CA GLY A 89 -18.30 0.66 -22.34
C GLY A 89 -17.08 0.75 -21.44
N ASN A 90 -16.25 1.78 -21.63
CA ASN A 90 -14.99 1.89 -20.90
C ASN A 90 -15.17 2.36 -19.44
N LEU A 91 -14.21 1.97 -18.58
CA LEU A 91 -14.19 2.24 -17.15
C LEU A 91 -14.08 3.74 -16.85
N LEU A 92 -13.36 4.50 -17.69
CA LEU A 92 -13.23 5.95 -17.50
C LEU A 92 -14.62 6.64 -17.52
N ASP A 93 -15.36 6.51 -18.64
CA ASP A 93 -16.71 7.05 -18.79
C ASP A 93 -17.67 6.50 -17.75
N TYR A 94 -17.53 5.23 -17.41
CA TYR A 94 -18.36 4.58 -16.41
C TYR A 94 -18.22 5.22 -15.02
N LEU A 95 -16.96 5.44 -14.55
CA LEU A 95 -16.66 6.07 -13.26
C LEU A 95 -17.16 7.54 -13.21
N ARG A 96 -16.98 8.29 -14.31
CA ARG A 96 -17.42 9.68 -14.41
C ARG A 96 -18.96 9.83 -14.35
N GLU A 97 -19.67 8.84 -14.87
CA GLU A 97 -21.13 8.89 -15.02
C GLU A 97 -21.96 8.13 -14.00
N CYS A 98 -21.32 7.30 -13.19
CA CYS A 98 -21.96 6.40 -12.24
C CYS A 98 -22.65 7.11 -11.10
N ASN A 99 -23.48 6.32 -10.40
CA ASN A 99 -24.13 6.69 -9.16
C ASN A 99 -23.12 6.18 -8.09
N ARG A 100 -22.43 7.11 -7.43
CA ARG A 100 -21.38 6.79 -6.44
C ARG A 100 -21.88 6.08 -5.19
N GLN A 101 -23.20 6.01 -5.02
CA GLN A 101 -23.80 5.31 -3.90
C GLN A 101 -23.76 3.82 -4.27
N GLU A 102 -24.03 3.54 -5.55
CA GLU A 102 -24.01 2.20 -6.08
C GLU A 102 -22.53 1.76 -6.22
N VAL A 103 -21.71 2.56 -6.91
CA VAL A 103 -20.28 2.30 -7.13
C VAL A 103 -19.52 2.89 -5.95
N SER A 104 -19.65 2.22 -4.80
CA SER A 104 -19.05 2.61 -3.54
C SER A 104 -17.59 2.16 -3.43
N ALA A 105 -16.97 2.45 -2.28
CA ALA A 105 -15.58 2.11 -1.95
C ALA A 105 -15.27 0.62 -2.17
N VAL A 106 -16.21 -0.30 -1.80
CA VAL A 106 -16.04 -1.76 -1.97
C VAL A 106 -16.04 -2.16 -3.45
N VAL A 107 -16.86 -1.49 -4.27
CA VAL A 107 -16.94 -1.70 -5.71
C VAL A 107 -15.63 -1.24 -6.34
N LEU A 108 -15.03 -0.15 -5.83
CA LEU A 108 -13.73 0.33 -6.32
C LEU A 108 -12.64 -0.71 -6.06
N LEU A 109 -12.63 -1.30 -4.83
CA LEU A 109 -11.70 -2.37 -4.43
C LEU A 109 -11.90 -3.58 -5.33
N TYR A 110 -13.19 -3.92 -5.62
CA TYR A 110 -13.58 -5.04 -6.49
C TYR A 110 -13.01 -4.86 -7.91
N MET A 111 -13.10 -3.65 -8.45
CA MET A 111 -12.59 -3.31 -9.75
C MET A 111 -11.06 -3.40 -9.87
N ALA A 112 -10.35 -2.87 -8.89
CA ALA A 112 -8.88 -2.95 -8.79
C ALA A 112 -8.39 -4.43 -8.65
N THR A 113 -9.17 -5.27 -7.94
CA THR A 113 -8.90 -6.68 -7.75
C THR A 113 -8.95 -7.43 -9.07
N GLN A 114 -9.98 -7.15 -9.89
CA GLN A 114 -10.19 -7.76 -11.19
C GLN A 114 -9.09 -7.39 -12.19
N ILE A 115 -8.75 -6.09 -12.26
CA ILE A 115 -7.68 -5.58 -13.12
C ILE A 115 -6.33 -6.21 -12.72
N SER A 116 -6.00 -6.20 -11.41
CA SER A 116 -4.74 -6.77 -10.91
C SER A 116 -4.63 -8.27 -11.20
N SER A 117 -5.77 -8.96 -11.23
CA SER A 117 -5.85 -10.39 -11.53
C SER A 117 -5.46 -10.64 -13.02
N ALA A 118 -5.98 -9.82 -13.94
CA ALA A 118 -5.69 -9.88 -15.37
C ALA A 118 -4.19 -9.63 -15.63
N MET A 119 -3.63 -8.69 -14.89
CA MET A 119 -2.24 -8.31 -14.98
C MET A 119 -1.30 -9.32 -14.40
N GLU A 120 -1.70 -9.97 -13.32
CA GLU A 120 -0.96 -11.07 -12.71
C GLU A 120 -0.86 -12.24 -13.71
N TYR A 121 -1.92 -12.51 -14.46
CA TYR A 121 -1.97 -13.51 -15.52
C TYR A 121 -1.00 -13.13 -16.67
N LEU A 122 -1.02 -11.87 -17.13
CA LEU A 122 -0.10 -11.41 -18.17
C LEU A 122 1.35 -11.53 -17.70
N GLU A 123 1.63 -11.14 -16.43
CA GLU A 123 2.94 -11.24 -15.79
C GLU A 123 3.41 -12.72 -15.80
N LYS A 124 2.54 -13.67 -15.40
CA LYS A 124 2.77 -15.13 -15.38
C LYS A 124 3.00 -15.69 -16.81
N LYS A 125 2.26 -15.19 -17.79
CA LYS A 125 2.30 -15.65 -19.19
C LYS A 125 3.33 -14.92 -20.07
N ASN A 126 4.12 -13.98 -19.51
CA ASN A 126 5.17 -13.30 -20.28
C ASN A 126 4.60 -12.35 -21.34
N PHE A 127 3.68 -11.53 -20.90
CA PHE A 127 3.10 -10.49 -21.75
C PHE A 127 3.26 -9.18 -21.06
N ILE A 128 3.23 -8.10 -21.85
CA ILE A 128 3.33 -6.70 -21.47
C ILE A 128 2.16 -6.02 -22.15
N HIS A 129 1.53 -5.10 -21.45
CA HIS A 129 0.38 -4.40 -21.98
C HIS A 129 0.80 -3.13 -22.72
N ARG A 130 1.53 -2.23 -22.05
CA ARG A 130 2.04 -0.96 -22.56
C ARG A 130 1.00 0.16 -22.75
N ASP A 131 -0.28 -0.09 -22.39
CA ASP A 131 -1.30 0.95 -22.47
C ASP A 131 -2.37 0.77 -21.37
N LEU A 132 -1.96 0.53 -20.15
CA LEU A 132 -2.89 0.39 -19.06
C LEU A 132 -3.41 1.75 -18.62
N ALA A 133 -4.72 1.94 -18.70
CA ALA A 133 -5.42 3.18 -18.37
C ALA A 133 -6.88 2.80 -18.21
N ALA A 134 -7.70 3.60 -17.52
CA ALA A 134 -9.14 3.32 -17.33
C ALA A 134 -9.92 3.26 -18.65
N ARG A 135 -9.54 4.09 -19.65
CA ARG A 135 -10.16 4.12 -20.98
C ARG A 135 -9.99 2.75 -21.72
N ASN A 136 -9.00 1.94 -21.29
CA ASN A 136 -8.69 0.63 -21.90
C ASN A 136 -9.21 -0.53 -21.10
N CYS A 137 -10.06 -0.24 -20.12
CA CYS A 137 -10.77 -1.24 -19.30
C CYS A 137 -12.21 -1.10 -19.65
N LEU A 138 -12.91 -2.23 -19.73
CA LEU A 138 -14.31 -2.27 -20.12
C LEU A 138 -15.15 -2.83 -19.05
N VAL A 139 -16.40 -2.34 -18.96
CA VAL A 139 -17.33 -2.70 -17.88
C VAL A 139 -18.52 -3.48 -18.43
N GLY A 140 -18.88 -4.53 -17.71
CA GLY A 140 -20.04 -5.36 -17.97
C GLY A 140 -21.01 -5.26 -16.80
N GLU A 141 -22.02 -6.12 -16.76
CA GLU A 141 -23.01 -6.11 -15.69
C GLU A 141 -22.38 -6.45 -14.35
N ASN A 142 -22.96 -5.90 -13.27
CA ASN A 142 -22.58 -6.15 -11.88
C ASN A 142 -21.08 -5.87 -11.59
N HIS A 143 -20.58 -4.77 -12.13
CA HIS A 143 -19.22 -4.22 -11.97
C HIS A 143 -18.11 -5.16 -12.43
N LEU A 144 -18.40 -5.98 -13.46
CA LEU A 144 -17.42 -6.86 -14.08
C LEU A 144 -16.51 -5.96 -14.91
N VAL A 145 -15.21 -6.05 -14.67
CA VAL A 145 -14.20 -5.25 -15.39
C VAL A 145 -13.25 -6.18 -16.15
N LYS A 146 -13.03 -5.90 -17.45
CA LYS A 146 -12.09 -6.65 -18.28
C LYS A 146 -11.12 -5.67 -18.94
N VAL A 147 -9.85 -6.04 -19.00
CA VAL A 147 -8.81 -5.24 -19.63
C VAL A 147 -8.81 -5.57 -21.15
N ALA A 148 -8.86 -4.54 -22.02
CA ALA A 148 -8.77 -4.68 -23.49
C ALA A 148 -7.31 -5.07 -23.78
N ASP A 149 -7.09 -5.93 -24.77
CA ASP A 149 -5.74 -6.48 -24.98
C ASP A 149 -5.27 -6.53 -26.44
N PHE A 150 -5.58 -5.49 -27.23
CA PHE A 150 -5.14 -5.40 -28.63
C PHE A 150 -3.65 -5.12 -28.79
N GLY A 151 -3.07 -4.30 -27.93
CA GLY A 151 -1.65 -3.97 -28.03
C GLY A 151 -0.64 -4.80 -27.26
N LEU A 152 -1.06 -6.00 -26.74
CA LEU A 152 -0.15 -6.89 -25.96
C LEU A 152 1.07 -7.28 -26.76
N SER A 153 2.16 -7.51 -26.08
CA SER A 153 3.38 -7.94 -26.72
C SER A 153 3.99 -9.07 -25.91
N ARG A 154 4.68 -9.99 -26.61
CA ARG A 154 5.38 -11.10 -25.96
C ARG A 154 6.71 -10.55 -25.47
N LEU A 155 6.97 -10.74 -24.20
CA LEU A 155 8.17 -10.26 -23.54
C LEU A 155 8.34 -11.11 -22.30
N MET A 156 9.49 -11.81 -22.18
CA MET A 156 9.76 -12.61 -20.99
C MET A 156 9.73 -11.70 -19.79
N THR A 157 8.94 -12.06 -18.78
CA THR A 157 8.79 -11.27 -17.56
C THR A 157 10.16 -10.99 -16.97
N GLY A 158 10.47 -9.71 -16.83
CA GLY A 158 11.75 -9.27 -16.32
C GLY A 158 12.60 -8.60 -17.37
N ASP A 159 12.40 -8.96 -18.65
CA ASP A 159 13.12 -8.37 -19.78
C ASP A 159 12.57 -6.99 -20.09
N THR A 160 13.41 -6.14 -20.70
CA THR A 160 13.00 -4.79 -21.10
C THR A 160 13.10 -4.63 -22.59
N PHE A 161 12.01 -4.18 -23.21
CA PHE A 161 11.88 -3.88 -24.63
C PHE A 161 12.10 -2.36 -24.87
N THR A 162 12.54 -2.00 -26.08
CA THR A 162 12.77 -0.63 -26.51
C THR A 162 11.79 -0.24 -27.61
N ALA A 163 11.06 0.87 -27.43
CA ALA A 163 10.13 1.37 -28.45
C ALA A 163 10.90 2.02 -29.63
N HIS A 164 10.25 2.05 -30.82
CA HIS A 164 10.78 2.64 -32.06
C HIS A 164 11.12 4.13 -31.92
N ALA A 165 12.06 4.62 -32.74
CA ALA A 165 12.53 6.01 -32.76
C ALA A 165 11.37 7.01 -32.96
N GLY A 166 11.22 7.91 -32.00
CA GLY A 166 10.18 8.94 -32.02
C GLY A 166 8.78 8.40 -31.80
N ALA A 167 8.62 7.52 -30.80
CA ALA A 167 7.34 6.94 -30.43
C ALA A 167 6.65 7.90 -29.46
N LYS A 168 5.32 8.05 -29.59
CA LYS A 168 4.52 8.92 -28.74
C LYS A 168 3.78 8.11 -27.68
N PHE A 169 3.89 8.50 -26.41
CA PHE A 169 3.21 7.75 -25.33
C PHE A 169 2.26 8.65 -24.59
N PRO A 170 1.20 8.14 -23.88
CA PRO A 170 0.41 9.05 -23.01
C PRO A 170 1.26 9.31 -21.76
N ILE A 171 1.96 10.45 -21.76
CA ILE A 171 2.97 10.86 -20.76
C ILE A 171 2.57 10.56 -19.31
N LYS A 172 1.35 10.95 -18.91
CA LYS A 172 0.88 10.87 -17.52
C LYS A 172 0.61 9.43 -17.03
N TRP A 173 0.72 8.42 -17.92
CA TRP A 173 0.55 7.01 -17.53
C TRP A 173 1.86 6.26 -17.69
N THR A 174 2.87 6.89 -18.34
CA THR A 174 4.14 6.32 -18.73
C THR A 174 5.22 6.41 -17.63
N ALA A 175 5.85 5.26 -17.35
CA ALA A 175 6.93 5.11 -16.36
C ALA A 175 8.12 5.99 -16.77
N PRO A 176 8.89 6.53 -15.79
CA PRO A 176 10.02 7.42 -16.12
C PRO A 176 11.10 6.82 -17.03
N GLU A 177 11.43 5.52 -16.87
CA GLU A 177 12.42 4.85 -17.72
C GLU A 177 11.92 4.69 -19.16
N SER A 178 10.59 4.70 -19.36
CA SER A 178 9.95 4.62 -20.69
C SER A 178 9.97 6.00 -21.33
N LEU A 179 9.75 7.06 -20.55
CA LEU A 179 9.79 8.44 -21.03
C LEU A 179 11.20 8.83 -21.41
N ALA A 180 12.18 8.50 -20.56
CA ALA A 180 13.57 8.84 -20.80
C ALA A 180 14.30 7.96 -21.78
N TYR A 181 14.13 6.61 -21.71
CA TYR A 181 14.91 5.70 -22.56
C TYR A 181 14.08 4.79 -23.50
N ASN A 182 12.74 4.98 -23.58
CA ASN A 182 11.83 4.16 -24.40
C ASN A 182 11.90 2.67 -24.01
N LYS A 183 12.23 2.40 -22.73
CA LYS A 183 12.33 1.08 -22.09
C LYS A 183 11.00 0.70 -21.48
N PHE A 184 10.45 -0.44 -21.86
CA PHE A 184 9.19 -0.96 -21.35
C PHE A 184 9.42 -2.36 -20.75
N SER A 185 8.80 -2.66 -19.62
CA SER A 185 8.85 -3.98 -18.97
C SER A 185 7.55 -4.15 -18.17
N ILE A 186 7.33 -5.34 -17.54
CA ILE A 186 6.15 -5.57 -16.68
C ILE A 186 6.11 -4.50 -15.57
N LYS A 187 7.28 -3.98 -15.17
CA LYS A 187 7.44 -2.95 -14.14
C LYS A 187 6.93 -1.59 -14.61
N SER A 188 6.97 -1.32 -15.94
CA SER A 188 6.39 -0.09 -16.48
C SER A 188 4.83 -0.20 -16.52
N ASP A 189 4.27 -1.44 -16.62
CA ASP A 189 2.82 -1.71 -16.52
C ASP A 189 2.38 -1.54 -15.07
N VAL A 190 3.27 -1.87 -14.10
CA VAL A 190 3.02 -1.67 -12.65
C VAL A 190 2.86 -0.19 -12.39
N TRP A 191 3.73 0.66 -13.00
CA TRP A 191 3.64 2.12 -12.89
C TRP A 191 2.30 2.61 -13.42
N ALA A 192 1.92 2.20 -14.66
CA ALA A 192 0.64 2.58 -15.29
C ALA A 192 -0.55 2.12 -14.41
N PHE A 193 -0.46 0.92 -13.79
CA PHE A 193 -1.50 0.39 -12.88
C PHE A 193 -1.71 1.35 -11.69
N GLY A 194 -0.63 1.94 -11.22
CA GLY A 194 -0.65 2.93 -10.14
C GLY A 194 -1.50 4.12 -10.53
N VAL A 195 -1.33 4.59 -11.77
CA VAL A 195 -2.10 5.72 -12.34
C VAL A 195 -3.57 5.32 -12.52
N LEU A 196 -3.81 4.07 -12.95
CA LEU A 196 -5.15 3.50 -13.10
C LEU A 196 -5.88 3.49 -11.75
N LEU A 197 -5.17 3.13 -10.66
CA LEU A 197 -5.71 3.17 -9.27
C LEU A 197 -6.15 4.55 -8.89
N TRP A 198 -5.34 5.56 -9.26
CA TRP A 198 -5.64 6.95 -9.01
C TRP A 198 -6.89 7.40 -9.80
N GLU A 199 -7.06 6.93 -11.04
CA GLU A 199 -8.26 7.24 -11.85
C GLU A 199 -9.49 6.61 -11.21
N ILE A 200 -9.35 5.36 -10.69
CA ILE A 200 -10.45 4.66 -10.01
C ILE A 200 -10.83 5.43 -8.75
N ALA A 201 -9.84 5.77 -7.90
CA ALA A 201 -10.03 6.45 -6.61
C ALA A 201 -10.70 7.82 -6.73
N THR A 202 -10.44 8.54 -7.84
CA THR A 202 -11.01 9.88 -8.10
C THR A 202 -12.26 9.83 -9.02
N TYR A 203 -12.74 8.62 -9.38
CA TYR A 203 -13.90 8.41 -10.26
C TYR A 203 -13.71 9.04 -11.65
N GLY A 204 -12.53 8.84 -12.21
CA GLY A 204 -12.24 9.30 -13.55
C GLY A 204 -11.64 10.68 -13.71
N MET A 205 -10.95 11.21 -12.68
CA MET A 205 -10.26 12.50 -12.86
C MET A 205 -9.03 12.28 -13.76
N SER A 206 -8.57 13.36 -14.42
CA SER A 206 -7.37 13.35 -15.25
C SER A 206 -6.13 13.43 -14.34
N PRO A 207 -5.13 12.58 -14.49
CA PRO A 207 -3.96 12.64 -13.62
C PRO A 207 -3.11 13.90 -13.78
N TYR A 208 -2.33 14.28 -12.76
CA TYR A 208 -1.48 15.48 -12.67
C TYR A 208 -2.27 16.65 -13.13
N PRO A 209 -3.37 16.88 -12.43
CA PRO A 209 -4.35 17.90 -12.74
C PRO A 209 -3.76 19.30 -12.91
N GLY A 210 -3.84 19.80 -14.13
CA GLY A 210 -3.32 21.09 -14.45
C GLY A 210 -1.85 21.15 -14.75
N ILE A 211 -1.16 20.05 -14.64
CA ILE A 211 0.23 19.97 -14.85
C ILE A 211 0.59 19.70 -16.28
N ASP A 212 1.47 20.53 -16.75
CA ASP A 212 1.97 20.46 -18.08
C ASP A 212 2.66 19.12 -18.28
N PRO A 213 2.26 18.41 -19.31
CA PRO A 213 2.86 17.12 -19.63
C PRO A 213 4.33 17.20 -19.91
N SER A 214 4.83 18.30 -20.41
CA SER A 214 6.26 18.47 -20.68
C SER A 214 7.10 18.64 -19.41
N GLN A 215 6.44 18.89 -18.24
CA GLN A 215 7.12 19.07 -16.95
C GLN A 215 7.04 17.87 -16.00
N VAL A 216 6.25 16.85 -16.37
CA VAL A 216 6.01 15.62 -15.62
C VAL A 216 7.29 14.83 -15.36
N TYR A 217 8.14 14.61 -16.39
CA TYR A 217 9.39 13.85 -16.21
C TYR A 217 10.30 14.44 -15.11
N GLU A 218 10.65 15.73 -15.25
CA GLU A 218 11.48 16.49 -14.30
C GLU A 218 10.91 16.40 -12.88
N LEU A 219 9.57 16.56 -12.75
CA LEU A 219 8.86 16.46 -11.49
C LEU A 219 9.03 15.08 -10.88
N LEU A 220 8.85 14.02 -11.70
CA LEU A 220 8.97 12.63 -11.24
C LEU A 220 10.39 12.32 -10.80
N GLU A 221 11.40 12.89 -11.49
CA GLU A 221 12.79 12.63 -11.12
C GLU A 221 13.19 13.37 -9.84
N LYS A 222 12.49 14.48 -9.52
CA LYS A 222 12.66 15.24 -8.27
C LYS A 222 11.70 14.73 -7.18
N ASP A 223 11.15 13.53 -7.37
CA ASP A 223 10.28 12.76 -6.46
C ASP A 223 8.89 13.38 -6.20
N TYR A 224 8.34 14.09 -7.19
CA TYR A 224 6.97 14.58 -7.08
C TYR A 224 6.06 13.40 -7.44
N ARG A 225 4.98 13.20 -6.65
CA ARG A 225 3.96 12.19 -6.94
C ARG A 225 2.61 12.79 -6.64
N MET A 226 1.55 12.33 -7.32
CA MET A 226 0.18 12.82 -7.06
C MET A 226 -0.14 12.55 -5.60
N GLU A 227 -0.84 13.49 -4.96
CA GLU A 227 -1.22 13.32 -3.56
C GLU A 227 -2.36 12.28 -3.38
N ARG A 228 -2.58 11.84 -2.13
CA ARG A 228 -3.65 10.90 -1.81
C ARG A 228 -5.01 11.52 -2.17
N PRO A 229 -5.79 10.93 -3.10
CA PRO A 229 -7.11 11.50 -3.41
C PRO A 229 -8.04 11.52 -2.19
N GLU A 230 -9.04 12.43 -2.17
CA GLU A 230 -10.05 12.48 -1.09
C GLU A 230 -10.79 11.14 -0.98
N GLY A 231 -10.87 10.63 0.24
CA GLY A 231 -11.55 9.36 0.55
C GLY A 231 -10.78 8.10 0.26
N CYS A 232 -9.54 8.22 -0.28
CA CYS A 232 -8.72 7.06 -0.61
C CYS A 232 -8.08 6.48 0.67
N PRO A 233 -8.32 5.17 0.97
CA PRO A 233 -7.68 4.58 2.16
C PRO A 233 -6.15 4.64 2.01
N GLU A 234 -5.45 4.95 3.11
CA GLU A 234 -4.00 5.05 3.16
C GLU A 234 -3.28 3.79 2.62
N LYS A 235 -3.82 2.57 2.93
CA LYS A 235 -3.27 1.29 2.44
C LYS A 235 -3.28 1.23 0.91
N VAL A 236 -4.38 1.71 0.28
CA VAL A 236 -4.55 1.77 -1.18
C VAL A 236 -3.55 2.81 -1.77
N TYR A 237 -3.36 3.97 -1.09
CA TYR A 237 -2.41 4.98 -1.53
C TYR A 237 -0.95 4.53 -1.38
N GLU A 238 -0.65 3.70 -0.35
CA GLU A 238 0.69 3.12 -0.16
C GLU A 238 1.04 2.24 -1.36
N LEU A 239 0.03 1.53 -1.90
CA LEU A 239 0.16 0.68 -3.06
C LEU A 239 0.44 1.48 -4.31
N MET A 240 -0.31 2.60 -4.56
CA MET A 240 -0.07 3.51 -5.69
C MET A 240 1.37 3.96 -5.64
N ARG A 241 1.82 4.41 -4.44
CA ARG A 241 3.16 4.94 -4.21
C ARG A 241 4.24 3.91 -4.44
N ALA A 242 3.99 2.63 -4.05
CA ALA A 242 4.90 1.49 -4.27
C ALA A 242 4.97 1.27 -5.80
N CYS A 243 3.83 1.39 -6.53
CA CYS A 243 3.79 1.30 -8.01
C CYS A 243 4.65 2.41 -8.64
N TRP A 244 4.74 3.59 -7.99
CA TRP A 244 5.48 4.75 -8.50
C TRP A 244 6.91 4.91 -7.98
N GLN A 245 7.54 3.79 -7.62
CA GLN A 245 8.93 3.80 -7.20
C GLN A 245 9.77 4.14 -8.42
N TRP A 246 10.76 5.02 -8.27
CA TRP A 246 11.63 5.42 -9.37
C TRP A 246 12.29 4.17 -10.03
N ASN A 247 12.87 3.28 -9.19
CA ASN A 247 13.53 2.08 -9.70
C ASN A 247 12.51 1.02 -10.05
N PRO A 248 12.47 0.54 -11.32
CA PRO A 248 11.52 -0.52 -11.68
C PRO A 248 11.54 -1.74 -10.77
N SER A 249 12.74 -2.17 -10.33
CA SER A 249 12.90 -3.33 -9.45
C SER A 249 12.36 -3.12 -8.03
N ASP A 250 12.13 -1.85 -7.60
CA ASP A 250 11.55 -1.54 -6.30
C ASP A 250 10.01 -1.59 -6.32
N ARG A 251 9.41 -1.66 -7.53
CA ARG A 251 7.97 -1.71 -7.67
C ARG A 251 7.50 -3.14 -7.36
N PRO A 252 6.31 -3.31 -6.74
CA PRO A 252 5.81 -4.67 -6.49
C PRO A 252 5.46 -5.41 -7.78
N SER A 253 5.30 -6.71 -7.69
CA SER A 253 4.86 -7.51 -8.82
C SER A 253 3.33 -7.47 -8.83
N PHE A 254 2.70 -7.86 -9.94
CA PHE A 254 1.24 -7.95 -10.01
C PHE A 254 0.67 -9.09 -9.13
N ALA A 255 1.50 -10.11 -8.81
CA ALA A 255 1.09 -11.20 -7.91
C ALA A 255 0.92 -10.61 -6.49
N GLU A 256 1.90 -9.81 -6.03
CA GLU A 256 1.85 -9.10 -4.74
C GLU A 256 0.69 -8.09 -4.68
N ILE A 257 0.50 -7.31 -5.78
CA ILE A 257 -0.56 -6.29 -5.90
C ILE A 257 -1.93 -6.96 -5.80
N HIS A 258 -2.15 -8.02 -6.61
CA HIS A 258 -3.38 -8.80 -6.63
C HIS A 258 -3.72 -9.36 -5.25
N GLN A 259 -2.71 -9.92 -4.55
CA GLN A 259 -2.87 -10.47 -3.21
C GLN A 259 -3.30 -9.41 -2.21
N ALA A 260 -2.72 -8.21 -2.30
CA ALA A 260 -3.04 -7.08 -1.42
C ALA A 260 -4.49 -6.62 -1.62
N PHE A 261 -4.94 -6.48 -2.88
CA PHE A 261 -6.31 -6.07 -3.19
C PHE A 261 -7.36 -7.13 -2.85
N GLU A 262 -7.03 -8.44 -3.02
CA GLU A 262 -7.88 -9.59 -2.68
C GLU A 262 -8.17 -9.58 -1.19
N THR A 263 -7.13 -9.41 -0.37
CA THR A 263 -7.24 -9.31 1.09
C THR A 263 -8.17 -8.14 1.46
N MET A 264 -7.86 -6.92 1.01
CA MET A 264 -8.69 -5.73 1.28
C MET A 264 -10.14 -5.93 0.81
N PHE A 265 -10.36 -6.54 -0.37
CA PHE A 265 -11.72 -6.77 -0.87
C PHE A 265 -12.51 -7.72 0.01
N GLN A 266 -11.88 -8.81 0.47
CA GLN A 266 -12.49 -9.78 1.37
C GLN A 266 -12.81 -9.12 2.72
N GLU A 267 -11.89 -8.33 3.25
CA GLU A 267 -12.07 -7.63 4.52
C GLU A 267 -13.21 -6.58 4.49
N SER A 268 -13.28 -5.77 3.43
CA SER A 268 -14.28 -4.73 3.22
C SER A 268 -15.69 -5.32 3.11
N SER A 269 -15.81 -6.52 2.47
CA SER A 269 -17.07 -7.24 2.32
C SER A 269 -17.54 -7.78 3.67
N ILE A 270 -16.57 -8.22 4.53
CA ILE A 270 -16.76 -8.75 5.88
C ILE A 270 -16.76 -7.57 6.89
N ASP B 1 32.18 -6.96 17.70
CA ASP B 1 31.43 -7.01 18.95
C ASP B 1 30.96 -8.41 19.32
N LYS B 2 30.60 -8.62 20.60
CA LYS B 2 30.08 -9.88 21.13
C LYS B 2 28.63 -10.11 20.66
N TRP B 3 28.08 -9.19 19.85
CA TRP B 3 26.73 -9.30 19.31
C TRP B 3 26.72 -10.01 17.96
N GLU B 4 27.88 -9.99 17.26
CA GLU B 4 28.06 -10.60 15.94
C GLU B 4 27.76 -12.08 15.92
N MET B 5 27.01 -12.52 14.92
CA MET B 5 26.62 -13.91 14.73
C MET B 5 26.95 -14.40 13.33
N GLU B 6 26.96 -15.75 13.16
CA GLU B 6 27.16 -16.39 11.86
C GLU B 6 25.80 -16.40 11.17
N ARG B 7 25.75 -16.12 9.86
CA ARG B 7 24.51 -16.12 9.06
C ARG B 7 23.85 -17.52 9.11
N THR B 8 24.69 -18.58 9.14
CA THR B 8 24.31 -20.01 9.19
C THR B 8 23.68 -20.44 10.52
N ASP B 9 23.79 -19.60 11.58
CA ASP B 9 23.24 -19.89 12.91
C ASP B 9 21.71 -19.84 12.88
N ILE B 10 21.16 -19.04 11.94
CA ILE B 10 19.72 -18.84 11.76
C ILE B 10 19.22 -19.49 10.47
N THR B 11 18.07 -20.17 10.56
CA THR B 11 17.36 -20.73 9.43
C THR B 11 16.06 -19.94 9.33
N MET B 12 15.79 -19.36 8.15
CA MET B 12 14.57 -18.59 7.94
C MET B 12 13.38 -19.53 7.80
N LYS B 13 12.24 -19.13 8.36
CA LYS B 13 11.04 -19.93 8.34
C LYS B 13 9.98 -19.32 7.42
N HIS B 14 9.59 -18.06 7.70
CA HIS B 14 8.56 -17.33 6.95
C HIS B 14 8.85 -15.83 6.88
N LYS B 15 8.21 -15.10 5.94
CA LYS B 15 8.40 -13.66 5.76
C LYS B 15 7.18 -12.80 6.12
N LEU B 16 7.42 -11.48 6.35
CA LEU B 16 6.47 -10.38 6.62
C LEU B 16 7.19 -9.02 6.67
N GLY B 17 7.59 -8.49 5.52
CA GLY B 17 8.30 -7.22 5.39
C GLY B 17 7.40 -6.03 5.18
N TYR B 21 14.44 0.34 2.36
CA TYR B 21 14.36 -0.58 3.50
C TYR B 21 14.40 -2.06 3.05
N GLY B 22 14.63 -2.96 4.01
CA GLY B 22 14.69 -4.41 3.78
C GLY B 22 13.38 -5.12 4.07
N GLU B 23 13.41 -6.16 4.95
CA GLU B 23 12.24 -6.98 5.30
C GLU B 23 12.33 -7.63 6.69
N VAL B 24 11.23 -8.22 7.19
CA VAL B 24 11.20 -8.92 8.48
C VAL B 24 10.78 -10.39 8.27
N TYR B 25 11.58 -11.31 8.85
CA TYR B 25 11.35 -12.75 8.76
C TYR B 25 11.27 -13.41 10.13
N GLU B 26 10.58 -14.57 10.18
CA GLU B 26 10.52 -15.42 11.36
C GLU B 26 11.64 -16.43 11.08
N GLY B 27 12.49 -16.67 12.06
CA GLY B 27 13.60 -17.61 11.91
C GLY B 27 13.78 -18.47 13.14
N VAL B 28 14.78 -19.36 13.08
CA VAL B 28 15.10 -20.23 14.19
C VAL B 28 16.58 -20.20 14.44
N TRP B 29 16.98 -19.83 15.67
CA TRP B 29 18.37 -19.84 16.11
C TRP B 29 18.59 -21.29 16.58
N LYS B 30 19.09 -22.16 15.66
CA LYS B 30 19.30 -23.61 15.82
C LYS B 30 20.04 -24.02 17.11
N LYS B 31 21.18 -23.37 17.42
CA LYS B 31 21.99 -23.62 18.63
C LYS B 31 21.18 -23.55 19.94
N TYR B 32 20.06 -22.79 19.97
CA TYR B 32 19.24 -22.65 21.18
C TYR B 32 17.78 -23.09 21.01
N SER B 33 17.44 -23.72 19.85
CA SER B 33 16.07 -24.16 19.52
C SER B 33 15.03 -23.05 19.79
N LEU B 34 15.47 -21.78 19.63
CA LEU B 34 14.72 -20.55 19.90
C LEU B 34 14.25 -19.86 18.63
N THR B 35 12.95 -19.51 18.59
CA THR B 35 12.32 -18.78 17.50
C THR B 35 12.68 -17.29 17.64
N VAL B 36 13.13 -16.66 16.54
CA VAL B 36 13.57 -15.27 16.52
C VAL B 36 12.95 -14.52 15.33
N ALA B 37 13.05 -13.20 15.37
CA ALA B 37 12.63 -12.32 14.29
C ALA B 37 13.91 -11.73 13.69
N VAL B 38 14.00 -11.73 12.37
CA VAL B 38 15.16 -11.24 11.63
C VAL B 38 14.75 -10.04 10.79
N LYS B 39 15.35 -8.87 11.09
CA LYS B 39 15.18 -7.63 10.35
C LYS B 39 16.36 -7.61 9.36
N THR B 40 16.07 -7.50 8.07
CA THR B 40 17.11 -7.55 7.05
C THR B 40 17.24 -6.21 6.29
N LEU B 41 18.39 -6.01 5.63
CA LEU B 41 18.66 -4.83 4.81
C LEU B 41 18.92 -5.30 3.38
N LYS B 42 18.19 -4.69 2.42
CA LYS B 42 18.28 -4.98 0.99
C LYS B 42 19.70 -4.75 0.42
N GLU B 43 20.10 -5.62 -0.51
CA GLU B 43 21.39 -5.68 -1.22
C GLU B 43 22.11 -4.33 -1.40
N ASP B 44 21.42 -3.36 -2.03
CA ASP B 44 21.89 -2.01 -2.33
C ASP B 44 20.86 -1.04 -1.78
N THR B 45 21.21 -0.25 -0.74
CA THR B 45 20.20 0.64 -0.13
C THR B 45 20.60 2.09 0.11
N MET B 46 21.91 2.37 0.33
CA MET B 46 22.41 3.71 0.67
C MET B 46 21.89 4.13 2.09
N GLU B 47 21.47 3.12 2.88
CA GLU B 47 20.93 3.25 4.23
C GLU B 47 21.64 2.28 5.19
N VAL B 48 22.87 1.87 4.81
CA VAL B 48 23.73 0.96 5.59
C VAL B 48 24.07 1.58 6.96
N GLU B 49 24.59 2.83 6.98
CA GLU B 49 24.96 3.56 8.21
C GLU B 49 23.76 3.77 9.13
N GLU B 50 22.54 3.93 8.55
CA GLU B 50 21.30 4.09 9.32
C GLU B 50 20.91 2.75 9.98
N PHE B 51 20.98 1.64 9.21
CA PHE B 51 20.68 0.28 9.69
C PHE B 51 21.64 -0.10 10.83
N LEU B 52 22.93 0.24 10.68
CA LEU B 52 23.99 -0.03 11.65
C LEU B 52 23.82 0.79 12.92
N LYS B 53 23.46 2.08 12.80
CA LYS B 53 23.25 2.95 13.95
C LYS B 53 22.02 2.50 14.77
N GLU B 54 20.96 1.97 14.10
CA GLU B 54 19.75 1.42 14.73
C GLU B 54 20.11 0.24 15.62
N ALA B 55 20.99 -0.64 15.11
CA ALA B 55 21.51 -1.82 15.80
C ALA B 55 22.37 -1.41 17.00
N ALA B 56 23.20 -0.34 16.83
CA ALA B 56 24.09 0.20 17.87
C ALA B 56 23.28 0.75 19.04
N VAL B 57 22.14 1.40 18.77
CA VAL B 57 21.20 1.95 19.76
C VAL B 57 20.57 0.79 20.56
N MET B 58 20.08 -0.25 19.85
CA MET B 58 19.45 -1.45 20.42
C MET B 58 20.37 -2.24 21.37
N LYS B 59 21.71 -2.16 21.15
CA LYS B 59 22.74 -2.80 21.98
C LYS B 59 22.77 -2.21 23.42
N GLU B 60 22.31 -0.95 23.57
CA GLU B 60 22.25 -0.20 24.82
C GLU B 60 20.93 -0.35 25.58
N ILE B 61 19.87 -0.79 24.89
CA ILE B 61 18.52 -0.91 25.42
C ILE B 61 18.28 -2.25 26.10
N LYS B 62 17.88 -2.20 27.37
CA LYS B 62 17.55 -3.40 28.14
C LYS B 62 16.37 -3.12 29.05
N HIS B 63 15.17 -3.49 28.58
CA HIS B 63 13.93 -3.34 29.33
C HIS B 63 12.96 -4.47 28.97
N PRO B 64 12.19 -5.04 29.95
CA PRO B 64 11.21 -6.11 29.61
C PRO B 64 10.12 -5.72 28.61
N ASN B 65 9.84 -4.41 28.45
CA ASN B 65 8.81 -3.95 27.53
C ASN B 65 9.36 -3.25 26.29
N LEU B 66 10.60 -3.51 25.98
CA LEU B 66 11.23 -3.04 24.79
C LEU B 66 11.75 -4.28 24.07
N VAL B 67 11.47 -4.44 22.79
CA VAL B 67 11.93 -5.57 21.97
C VAL B 67 13.46 -5.76 22.08
N GLN B 68 13.87 -6.94 22.54
CA GLN B 68 15.25 -7.25 22.82
C GLN B 68 16.07 -7.70 21.62
N LEU B 69 17.21 -7.04 21.41
CA LEU B 69 18.19 -7.40 20.40
C LEU B 69 18.89 -8.68 20.89
N LEU B 70 19.02 -9.66 19.99
CA LEU B 70 19.66 -10.95 20.24
C LEU B 70 21.03 -11.09 19.60
N GLY B 71 21.19 -10.52 18.42
CA GLY B 71 22.43 -10.56 17.64
C GLY B 71 22.35 -9.79 16.34
N VAL B 72 23.50 -9.51 15.73
CA VAL B 72 23.60 -8.76 14.45
C VAL B 72 24.53 -9.49 13.48
N CYS B 73 24.29 -9.34 12.17
CA CYS B 73 25.15 -9.89 11.10
C CYS B 73 25.65 -8.69 10.30
N THR B 74 26.64 -7.98 10.91
CA THR B 74 27.19 -6.72 10.42
C THR B 74 28.55 -6.89 9.73
N ARG B 75 28.67 -7.90 8.85
CA ARG B 75 29.89 -8.20 8.08
C ARG B 75 29.60 -8.10 6.57
N GLU B 76 29.16 -9.20 5.93
CA GLU B 76 28.81 -9.24 4.50
C GLU B 76 27.30 -9.10 4.26
N PRO B 77 26.85 -8.50 3.11
CA PRO B 77 25.41 -8.38 2.85
C PRO B 77 24.75 -9.72 2.47
N PRO B 78 23.45 -9.98 2.76
CA PRO B 78 22.46 -9.11 3.44
C PRO B 78 22.75 -8.97 4.93
N PHE B 79 22.57 -7.75 5.45
CA PHE B 79 22.80 -7.41 6.86
C PHE B 79 21.57 -7.74 7.70
N TYR B 80 21.76 -8.43 8.83
CA TYR B 80 20.66 -8.85 9.71
C TYR B 80 20.72 -8.24 11.09
N ILE B 81 19.55 -7.96 11.66
CA ILE B 81 19.33 -7.52 13.04
C ILE B 81 18.39 -8.60 13.56
N ILE B 82 18.87 -9.40 14.50
CA ILE B 82 18.11 -10.50 15.08
C ILE B 82 17.59 -10.06 16.45
N THR B 83 16.27 -10.17 16.63
CA THR B 83 15.59 -9.81 17.88
C THR B 83 14.74 -11.01 18.33
N GLU B 84 14.14 -10.90 19.53
CA GLU B 84 13.22 -11.90 20.04
C GLU B 84 11.96 -11.86 19.16
N PHE B 85 11.24 -12.97 19.09
CA PHE B 85 10.03 -13.09 18.31
C PHE B 85 8.82 -12.82 19.20
N MET B 86 7.91 -11.96 18.73
CA MET B 86 6.67 -11.62 19.43
C MET B 86 5.57 -12.36 18.70
N THR B 87 5.11 -13.47 19.28
CA THR B 87 4.19 -14.46 18.69
C THR B 87 2.87 -13.93 18.10
N TYR B 88 2.23 -12.89 18.68
CA TYR B 88 0.93 -12.41 18.20
C TYR B 88 0.96 -11.17 17.27
N GLY B 89 2.14 -10.75 16.84
CA GLY B 89 2.25 -9.62 15.93
C GLY B 89 1.98 -8.27 16.57
N ASN B 90 1.62 -7.26 15.76
CA ASN B 90 1.43 -5.90 16.28
C ASN B 90 0.12 -5.73 17.05
N LEU B 91 0.13 -4.77 17.99
CA LEU B 91 -0.97 -4.46 18.89
C LEU B 91 -2.21 -3.98 18.13
N LEU B 92 -2.04 -3.23 17.03
CA LEU B 92 -3.16 -2.75 16.22
C LEU B 92 -4.03 -3.91 15.70
N ASP B 93 -3.43 -4.84 14.91
CA ASP B 93 -4.10 -6.03 14.39
C ASP B 93 -4.63 -6.92 15.52
N TYR B 94 -3.89 -7.03 16.62
CA TYR B 94 -4.28 -7.82 17.78
C TYR B 94 -5.60 -7.32 18.39
N LEU B 95 -5.70 -6.00 18.65
CA LEU B 95 -6.90 -5.36 19.22
C LEU B 95 -8.13 -5.50 18.29
N ARG B 96 -7.92 -5.33 16.97
CA ARG B 96 -8.98 -5.46 15.96
C ARG B 96 -9.54 -6.89 15.88
N GLU B 97 -8.70 -7.90 16.12
CA GLU B 97 -9.05 -9.30 15.95
C GLU B 97 -9.36 -10.09 17.23
N CYS B 98 -9.09 -9.52 18.40
CA CYS B 98 -9.24 -10.16 19.72
C CYS B 98 -10.65 -10.48 20.12
N ASN B 99 -10.76 -11.32 21.17
CA ASN B 99 -11.99 -11.67 21.86
C ASN B 99 -12.02 -10.67 23.02
N ARG B 100 -12.92 -9.68 22.94
CA ARG B 100 -13.03 -8.59 23.92
C ARG B 100 -13.45 -9.03 25.33
N GLN B 101 -13.94 -10.27 25.48
CA GLN B 101 -14.29 -10.86 26.78
C GLN B 101 -12.98 -11.29 27.45
N GLU B 102 -11.98 -11.72 26.65
CA GLU B 102 -10.65 -12.09 27.12
C GLU B 102 -9.83 -10.81 27.35
N VAL B 103 -9.75 -9.94 26.32
CA VAL B 103 -9.03 -8.67 26.35
C VAL B 103 -10.01 -7.61 26.89
N SER B 104 -10.28 -7.71 28.19
CA SER B 104 -11.19 -6.83 28.93
C SER B 104 -10.54 -5.53 29.35
N ALA B 105 -11.28 -4.67 30.07
CA ALA B 105 -10.85 -3.37 30.57
C ALA B 105 -9.55 -3.44 31.39
N VAL B 106 -9.38 -4.48 32.23
CA VAL B 106 -8.16 -4.71 33.05
C VAL B 106 -6.94 -5.03 32.17
N VAL B 107 -7.16 -5.80 31.07
CA VAL B 107 -6.11 -6.15 30.12
C VAL B 107 -5.68 -4.89 29.37
N LEU B 108 -6.62 -3.98 29.08
CA LEU B 108 -6.30 -2.70 28.44
C LEU B 108 -5.40 -1.87 29.33
N LEU B 109 -5.74 -1.79 30.65
CA LEU B 109 -4.96 -1.09 31.68
C LEU B 109 -3.57 -1.72 31.77
N TYR B 110 -3.50 -3.07 31.73
CA TYR B 110 -2.27 -3.84 31.77
C TYR B 110 -1.34 -3.48 30.60
N MET B 111 -1.89 -3.41 29.38
CA MET B 111 -1.15 -3.05 28.17
C MET B 111 -0.56 -1.63 28.25
N ALA B 112 -1.38 -0.64 28.66
CA ALA B 112 -0.96 0.76 28.85
C ALA B 112 0.13 0.90 29.93
N THR B 113 0.07 0.06 30.99
CA THR B 113 1.06 0.04 32.08
C THR B 113 2.43 -0.42 31.56
N GLN B 114 2.45 -1.45 30.71
CA GLN B 114 3.67 -2.01 30.12
C GLN B 114 4.33 -1.01 29.16
N ILE B 115 3.53 -0.38 28.28
CA ILE B 115 4.01 0.60 27.33
C ILE B 115 4.59 1.80 28.09
N SER B 116 3.83 2.33 29.08
CA SER B 116 4.28 3.48 29.88
C SER B 116 5.57 3.20 30.65
N SER B 117 5.79 1.93 31.05
CA SER B 117 6.99 1.49 31.73
C SER B 117 8.22 1.59 30.80
N ALA B 118 8.07 1.14 29.52
CA ALA B 118 9.10 1.17 28.48
C ALA B 118 9.50 2.62 28.20
N MET B 119 8.48 3.51 28.14
CA MET B 119 8.62 4.93 27.86
C MET B 119 9.25 5.71 29.00
N GLU B 120 8.98 5.31 30.26
CA GLU B 120 9.58 5.87 31.48
C GLU B 120 11.08 5.55 31.45
N TYR B 121 11.45 4.31 31.03
CA TYR B 121 12.83 3.86 30.87
C TYR B 121 13.57 4.76 29.87
N LEU B 122 13.01 4.95 28.66
CA LEU B 122 13.56 5.79 27.59
C LEU B 122 13.70 7.25 28.04
N GLU B 123 12.68 7.77 28.77
CA GLU B 123 12.67 9.12 29.35
C GLU B 123 13.89 9.34 30.27
N LYS B 124 14.20 8.40 31.20
CA LYS B 124 15.33 8.54 32.11
C LYS B 124 16.66 8.37 31.37
N LYS B 125 16.71 7.50 30.32
CA LYS B 125 17.92 7.24 29.52
C LYS B 125 18.17 8.27 28.37
N ASN B 126 17.30 9.31 28.27
CA ASN B 126 17.33 10.42 27.31
C ASN B 126 17.19 9.99 25.85
N PHE B 127 16.30 9.01 25.59
CA PHE B 127 15.95 8.54 24.27
C PHE B 127 14.56 9.09 24.01
N ILE B 128 14.25 9.29 22.73
CA ILE B 128 12.93 9.66 22.27
C ILE B 128 12.63 8.58 21.23
N HIS B 129 11.35 8.23 21.09
CA HIS B 129 10.92 7.18 20.19
C HIS B 129 10.56 7.75 18.80
N ARG B 130 9.68 8.76 18.76
CA ARG B 130 9.23 9.46 17.54
C ARG B 130 8.22 8.68 16.66
N ASP B 131 7.86 7.45 17.02
CA ASP B 131 6.88 6.69 16.26
C ASP B 131 6.04 5.79 17.17
N LEU B 132 5.57 6.32 18.30
CA LEU B 132 4.69 5.58 19.20
C LEU B 132 3.32 5.52 18.55
N ALA B 133 2.86 4.30 18.29
CA ALA B 133 1.55 3.98 17.71
C ALA B 133 1.34 2.50 18.01
N ALA B 134 0.07 2.01 17.99
CA ALA B 134 -0.24 0.59 18.24
C ALA B 134 0.43 -0.37 17.26
N ARG B 135 0.58 0.04 15.98
CA ARG B 135 1.24 -0.75 14.92
C ARG B 135 2.73 -1.02 15.25
N ASN B 136 3.32 -0.20 16.15
CA ASN B 136 4.73 -0.32 16.53
C ASN B 136 4.94 -0.96 17.89
N CYS B 137 3.87 -1.55 18.44
CA CYS B 137 3.86 -2.32 19.67
C CYS B 137 3.58 -3.74 19.25
N LEU B 138 4.25 -4.69 19.91
CA LEU B 138 4.11 -6.10 19.60
C LEU B 138 3.59 -6.86 20.77
N VAL B 139 2.81 -7.91 20.49
CA VAL B 139 2.13 -8.73 21.51
C VAL B 139 2.69 -10.14 21.57
N GLY B 140 2.90 -10.62 22.79
CA GLY B 140 3.34 -11.97 23.09
C GLY B 140 2.27 -12.70 23.88
N GLU B 141 2.61 -13.85 24.45
CA GLU B 141 1.67 -14.63 25.26
C GLU B 141 1.28 -13.88 26.53
N ASN B 142 0.05 -14.13 27.02
CA ASN B 142 -0.52 -13.58 28.24
C ASN B 142 -0.54 -12.05 28.27
N HIS B 143 -0.87 -11.42 27.12
CA HIS B 143 -1.00 -9.97 26.92
C HIS B 143 0.29 -9.18 27.22
N LEU B 144 1.44 -9.81 26.95
CA LEU B 144 2.73 -9.17 27.09
C LEU B 144 2.86 -8.22 25.90
N VAL B 145 3.13 -6.94 26.17
CA VAL B 145 3.29 -5.91 25.14
C VAL B 145 4.72 -5.32 25.21
N LYS B 146 5.39 -5.25 24.05
CA LYS B 146 6.72 -4.67 23.95
C LYS B 146 6.71 -3.63 22.83
N VAL B 147 7.38 -2.51 23.07
CA VAL B 147 7.51 -1.44 22.09
C VAL B 147 8.71 -1.78 21.18
N ALA B 148 8.52 -1.71 19.83
CA ALA B 148 9.58 -1.93 18.83
C ALA B 148 10.47 -0.66 18.93
N ASP B 149 11.78 -0.83 18.79
CA ASP B 149 12.71 0.27 19.03
C ASP B 149 13.81 0.46 17.98
N PHE B 150 13.47 0.29 16.70
CA PHE B 150 14.40 0.48 15.59
C PHE B 150 14.71 1.97 15.33
N GLY B 151 13.71 2.84 15.46
CA GLY B 151 13.88 4.27 15.22
C GLY B 151 14.21 5.19 16.39
N LEU B 152 14.65 4.62 17.56
CA LEU B 152 15.03 5.42 18.73
C LEU B 152 16.18 6.38 18.40
N SER B 153 16.12 7.60 18.97
CA SER B 153 17.10 8.66 18.83
C SER B 153 17.52 9.10 20.21
N ARG B 154 18.81 9.31 20.36
CA ARG B 154 19.39 9.75 21.60
C ARG B 154 19.57 11.22 21.57
N LEU B 155 19.19 11.89 22.64
CA LEU B 155 19.33 13.34 22.74
C LEU B 155 20.76 13.61 23.17
N MET B 156 21.60 14.14 22.26
CA MET B 156 23.02 14.42 22.57
C MET B 156 23.20 15.60 23.51
N THR B 157 22.42 16.65 23.26
CA THR B 157 22.33 17.86 24.06
C THR B 157 20.83 18.20 24.08
N GLY B 158 20.42 19.06 25.01
CA GLY B 158 19.04 19.53 25.12
C GLY B 158 17.95 18.48 25.22
N ASP B 159 16.70 18.91 25.13
CA ASP B 159 15.61 17.94 25.26
C ASP B 159 14.80 17.82 23.99
N THR B 160 15.20 18.54 22.93
CA THR B 160 14.54 18.56 21.64
C THR B 160 15.44 17.94 20.53
N PHE B 161 14.79 17.21 19.62
CA PHE B 161 15.38 16.54 18.46
C PHE B 161 14.62 17.05 17.23
N THR B 162 15.33 17.34 16.14
CA THR B 162 14.70 17.79 14.89
C THR B 162 14.81 16.69 13.83
N ALA B 163 13.68 16.38 13.14
CA ALA B 163 13.59 15.33 12.13
C ALA B 163 14.43 15.61 10.86
N HIS B 164 14.07 16.64 10.06
CA HIS B 164 14.71 17.17 8.82
C HIS B 164 13.71 17.85 7.87
N GLY B 166 11.94 18.60 5.50
CA GLY B 166 10.95 17.90 4.68
C GLY B 166 10.73 16.45 5.07
N ALA B 167 10.66 16.17 6.38
CA ALA B 167 10.39 14.81 6.87
C ALA B 167 8.88 14.67 7.01
N LYS B 168 8.36 13.48 6.67
CA LYS B 168 6.92 13.22 6.75
C LYS B 168 6.58 12.39 7.98
N PHE B 169 5.62 12.87 8.80
CA PHE B 169 5.20 12.14 10.01
C PHE B 169 3.73 11.76 9.95
N PRO B 170 3.28 10.71 10.68
CA PRO B 170 1.85 10.34 10.66
C PRO B 170 1.11 11.42 11.47
N ILE B 171 0.48 12.36 10.76
CA ILE B 171 -0.18 13.56 11.28
C ILE B 171 -1.01 13.32 12.55
N LYS B 172 -1.89 12.32 12.54
CA LYS B 172 -2.83 12.01 13.62
C LYS B 172 -2.18 11.48 14.92
N TRP B 173 -0.86 11.20 14.91
CA TRP B 173 -0.16 10.75 16.13
C TRP B 173 0.85 11.81 16.57
N THR B 174 1.09 12.83 15.72
CA THR B 174 2.11 13.83 15.88
C THR B 174 1.63 15.05 16.70
N ALA B 175 2.43 15.41 17.71
CA ALA B 175 2.20 16.56 18.60
C ALA B 175 2.21 17.86 17.75
N PRO B 176 1.39 18.88 18.13
CA PRO B 176 1.34 20.13 17.36
C PRO B 176 2.67 20.87 17.15
N GLU B 177 3.57 20.88 18.14
CA GLU B 177 4.90 21.52 18.01
C GLU B 177 5.83 20.77 17.04
N SER B 178 5.55 19.47 16.81
CA SER B 178 6.27 18.64 15.84
C SER B 178 5.71 18.91 14.46
N LEU B 179 4.38 19.10 14.33
CA LEU B 179 3.73 19.39 13.05
C LEU B 179 4.11 20.78 12.60
N ALA B 180 4.09 21.77 13.51
CA ALA B 180 4.40 23.14 13.20
C ALA B 180 5.91 23.46 13.07
N TYR B 181 6.77 22.95 14.00
CA TYR B 181 8.18 23.32 13.99
C TYR B 181 9.18 22.17 13.83
N ASN B 182 8.70 20.96 13.60
CA ASN B 182 9.53 19.77 13.43
C ASN B 182 10.31 19.30 14.67
N LYS B 183 9.91 19.86 15.79
CA LYS B 183 10.46 19.71 17.13
C LYS B 183 9.90 18.46 17.79
N PHE B 184 10.80 17.55 18.15
CA PHE B 184 10.45 16.31 18.83
C PHE B 184 11.13 16.23 20.17
N SER B 185 10.38 15.80 21.18
CA SER B 185 10.92 15.71 22.52
C SER B 185 10.25 14.55 23.20
N ILE B 186 10.60 14.32 24.48
CA ILE B 186 9.90 13.29 25.23
C ILE B 186 8.41 13.66 25.39
N LYS B 187 8.10 14.98 25.41
CA LYS B 187 6.74 15.52 25.53
C LYS B 187 5.92 15.27 24.27
N SER B 188 6.56 15.18 23.09
CA SER B 188 5.87 14.81 21.85
C SER B 188 5.56 13.29 21.83
N ASP B 189 6.38 12.46 22.52
CA ASP B 189 6.13 11.01 22.70
C ASP B 189 4.95 10.82 23.67
N VAL B 190 4.82 11.75 24.66
CA VAL B 190 3.68 11.76 25.62
C VAL B 190 2.40 11.99 24.84
N TRP B 191 2.40 12.96 23.88
CA TRP B 191 1.25 13.23 23.02
C TRP B 191 0.88 11.97 22.23
N ALA B 192 1.87 11.33 21.53
CA ALA B 192 1.65 10.11 20.75
C ALA B 192 1.09 8.97 21.64
N PHE B 193 1.58 8.87 22.89
CA PHE B 193 1.12 7.88 23.88
C PHE B 193 -0.39 8.07 24.13
N GLY B 194 -0.83 9.33 24.17
CA GLY B 194 -2.23 9.69 24.34
C GLY B 194 -3.08 9.10 23.23
N VAL B 195 -2.58 9.20 21.97
CA VAL B 195 -3.24 8.65 20.78
C VAL B 195 -3.25 7.12 20.85
N LEU B 196 -2.12 6.52 21.31
CA LEU B 196 -1.99 5.08 21.50
C LEU B 196 -3.05 4.58 22.50
N LEU B 197 -3.30 5.34 23.58
CA LEU B 197 -4.32 5.01 24.59
C LEU B 197 -5.71 4.97 23.97
N TRP B 198 -5.98 5.91 23.06
CA TRP B 198 -7.22 6.00 22.34
C TRP B 198 -7.38 4.80 21.38
N GLU B 199 -6.29 4.34 20.74
CA GLU B 199 -6.32 3.15 19.86
C GLU B 199 -6.60 1.90 20.70
N ILE B 200 -6.01 1.81 21.91
CA ILE B 200 -6.23 0.70 22.83
C ILE B 200 -7.71 0.71 23.27
N ALA B 201 -8.22 1.85 23.73
CA ALA B 201 -9.58 2.00 24.25
C ALA B 201 -10.67 1.67 23.23
N THR B 202 -10.42 1.92 21.95
CA THR B 202 -11.36 1.69 20.84
C THR B 202 -11.11 0.34 20.12
N TYR B 203 -10.14 -0.48 20.62
CA TYR B 203 -9.76 -1.76 20.04
C TYR B 203 -9.25 -1.63 18.61
N GLY B 204 -8.41 -0.65 18.36
CA GLY B 204 -7.80 -0.45 17.06
C GLY B 204 -8.50 0.45 16.08
N MET B 205 -9.36 1.39 16.52
CA MET B 205 -9.96 2.33 15.58
C MET B 205 -8.90 3.34 15.10
N SER B 206 -9.11 3.93 13.92
CA SER B 206 -8.22 4.95 13.38
C SER B 206 -8.51 6.29 14.09
N PRO B 207 -7.50 7.08 14.52
CA PRO B 207 -7.80 8.35 15.22
C PRO B 207 -8.42 9.41 14.32
N TYR B 208 -9.12 10.40 14.95
CA TYR B 208 -9.86 11.49 14.31
C TYR B 208 -10.62 10.90 13.11
N PRO B 209 -11.44 9.83 13.33
CA PRO B 209 -12.10 9.18 12.18
C PRO B 209 -12.92 10.16 11.35
N GLY B 210 -12.75 10.07 10.03
CA GLY B 210 -13.46 10.91 9.06
C GLY B 210 -12.90 12.32 8.92
N ILE B 211 -11.98 12.72 9.77
CA ILE B 211 -11.36 14.04 9.72
C ILE B 211 -10.17 14.04 8.76
N ASP B 212 -10.20 14.95 7.77
CA ASP B 212 -9.11 15.11 6.81
C ASP B 212 -7.86 15.57 7.54
N PRO B 213 -6.72 14.83 7.38
CA PRO B 213 -5.47 15.21 8.09
C PRO B 213 -5.03 16.68 7.91
N SER B 214 -5.48 17.32 6.81
CA SER B 214 -5.18 18.72 6.52
C SER B 214 -5.87 19.70 7.52
N GLN B 215 -6.88 19.21 8.27
CA GLN B 215 -7.63 20.03 9.21
C GLN B 215 -7.21 19.83 10.66
N VAL B 216 -6.42 18.77 10.96
CA VAL B 216 -6.06 18.33 12.29
C VAL B 216 -5.29 19.39 13.07
N TYR B 217 -4.24 20.02 12.48
CA TYR B 217 -3.45 21.04 13.21
C TYR B 217 -4.32 22.21 13.73
N GLU B 218 -5.05 22.84 12.80
CA GLU B 218 -5.96 23.95 13.08
C GLU B 218 -6.98 23.57 14.17
N LEU B 219 -7.56 22.37 14.06
CA LEU B 219 -8.53 21.84 15.03
C LEU B 219 -7.89 21.73 16.41
N LEU B 220 -6.66 21.15 16.48
CA LEU B 220 -5.94 21.00 17.75
C LEU B 220 -5.62 22.34 18.37
N GLU B 221 -5.24 23.32 17.54
CA GLU B 221 -4.91 24.67 17.98
C GLU B 221 -6.13 25.35 18.60
N LYS B 222 -7.32 25.08 18.01
CA LYS B 222 -8.62 25.64 18.44
C LYS B 222 -9.31 24.75 19.48
N ASP B 223 -8.52 23.90 20.13
CA ASP B 223 -8.81 23.04 21.29
C ASP B 223 -9.77 21.89 21.03
N TYR B 224 -9.82 21.40 19.80
CA TYR B 224 -10.58 20.20 19.50
C TYR B 224 -9.73 18.99 19.98
N ARG B 225 -10.38 18.01 20.62
CA ARG B 225 -9.74 16.76 21.05
C ARG B 225 -10.71 15.65 20.81
N MET B 226 -10.21 14.42 20.54
CA MET B 226 -11.09 13.25 20.34
C MET B 226 -11.91 13.06 21.62
N GLU B 227 -13.17 12.71 21.47
CA GLU B 227 -14.04 12.51 22.63
C GLU B 227 -13.74 11.18 23.36
N ARG B 228 -14.26 11.02 24.59
CA ARG B 228 -14.08 9.81 25.37
C ARG B 228 -14.69 8.62 24.61
N PRO B 229 -13.87 7.60 24.25
CA PRO B 229 -14.45 6.42 23.58
C PRO B 229 -15.47 5.68 24.45
N GLU B 230 -16.41 4.94 23.83
CA GLU B 230 -17.40 4.14 24.57
C GLU B 230 -16.69 3.11 25.47
N GLY B 231 -17.11 3.06 26.73
CA GLY B 231 -16.55 2.13 27.72
C GLY B 231 -15.23 2.54 28.35
N CYS B 232 -14.67 3.70 27.94
CA CYS B 232 -13.40 4.18 28.49
C CYS B 232 -13.62 4.80 29.86
N PRO B 233 -12.91 4.31 30.93
CA PRO B 233 -13.07 4.95 32.25
C PRO B 233 -12.64 6.40 32.18
N GLU B 234 -13.38 7.29 32.86
CA GLU B 234 -13.11 8.73 32.92
C GLU B 234 -11.66 9.05 33.36
N LYS B 235 -11.11 8.29 34.36
CA LYS B 235 -9.74 8.48 34.86
C LYS B 235 -8.71 8.25 33.73
N VAL B 236 -8.95 7.22 32.88
CA VAL B 236 -8.11 6.90 31.72
C VAL B 236 -8.23 8.01 30.66
N TYR B 237 -9.44 8.54 30.44
CA TYR B 237 -9.65 9.64 29.49
C TYR B 237 -9.02 10.96 29.98
N GLU B 238 -8.99 11.18 31.31
CA GLU B 238 -8.35 12.38 31.90
C GLU B 238 -6.86 12.35 31.58
N LEU B 239 -6.27 11.14 31.58
CA LEU B 239 -4.88 10.91 31.25
C LEU B 239 -4.57 11.19 29.79
N MET B 240 -5.43 10.69 28.84
CA MET B 240 -5.30 10.98 27.40
C MET B 240 -5.30 12.50 27.22
N ARG B 241 -6.26 13.18 27.86
CA ARG B 241 -6.42 14.63 27.78
C ARG B 241 -5.24 15.40 28.32
N ALA B 242 -4.62 14.91 29.42
CA ALA B 242 -3.42 15.50 30.04
C ALA B 242 -2.27 15.30 29.03
N CYS B 243 -2.20 14.14 28.33
CA CYS B 243 -1.22 13.87 27.26
C CYS B 243 -1.38 14.86 26.10
N TRP B 244 -2.63 15.31 25.83
CA TRP B 244 -2.95 16.23 24.73
C TRP B 244 -3.01 17.71 25.11
N GLN B 245 -2.27 18.11 26.14
CA GLN B 245 -2.15 19.52 26.51
C GLN B 245 -1.40 20.22 25.40
N TRP B 246 -1.88 21.39 25.01
CA TRP B 246 -1.26 22.20 23.95
C TRP B 246 0.24 22.46 24.24
N ASN B 247 0.54 22.93 25.47
CA ASN B 247 1.90 23.23 25.87
C ASN B 247 2.60 21.92 26.26
N PRO B 248 3.75 21.60 25.60
CA PRO B 248 4.49 20.38 25.98
C PRO B 248 4.81 20.26 27.46
N SER B 249 5.16 21.37 28.11
CA SER B 249 5.51 21.41 29.55
C SER B 249 4.31 21.15 30.48
N ASP B 250 3.07 21.26 29.97
CA ASP B 250 1.85 20.97 30.73
C ASP B 250 1.49 19.47 30.67
N ARG B 251 2.14 18.72 29.78
CA ARG B 251 1.90 17.28 29.64
C ARG B 251 2.60 16.54 30.78
N PRO B 252 2.01 15.46 31.32
CA PRO B 252 2.72 14.72 32.37
C PRO B 252 3.96 14.00 31.83
N SER B 253 4.83 13.58 32.72
CA SER B 253 6.01 12.82 32.34
C SER B 253 5.59 11.36 32.24
N PHE B 254 6.42 10.51 31.61
CA PHE B 254 6.16 9.07 31.58
C PHE B 254 6.28 8.40 32.96
N ALA B 255 7.02 9.02 33.90
CA ALA B 255 7.13 8.50 35.27
C ALA B 255 5.76 8.67 35.95
N GLU B 256 5.15 9.87 35.82
CA GLU B 256 3.81 10.15 36.35
C GLU B 256 2.73 9.30 35.68
N ILE B 257 2.80 9.14 34.34
CA ILE B 257 1.85 8.34 33.55
C ILE B 257 1.91 6.88 34.00
N HIS B 258 3.13 6.31 34.07
CA HIS B 258 3.38 4.94 34.50
C HIS B 258 2.82 4.69 35.90
N GLN B 259 3.05 5.65 36.83
CA GLN B 259 2.57 5.55 38.20
C GLN B 259 1.05 5.54 38.25
N ALA B 260 0.38 6.38 37.41
CA ALA B 260 -1.07 6.47 37.35
C ALA B 260 -1.70 5.17 36.85
N PHE B 261 -1.14 4.58 35.77
CA PHE B 261 -1.61 3.32 35.21
C PHE B 261 -1.35 2.14 36.09
N GLU B 262 -0.17 2.12 36.74
CA GLU B 262 0.22 1.07 37.68
C GLU B 262 -0.79 1.01 38.85
N THR B 263 -1.14 2.15 39.47
CA THR B 263 -2.13 2.27 40.55
C THR B 263 -3.50 1.73 40.05
N MET B 264 -4.01 2.27 38.92
CA MET B 264 -5.27 1.87 38.30
C MET B 264 -5.30 0.36 38.03
N PHE B 265 -4.24 -0.17 37.43
CA PHE B 265 -4.14 -1.58 37.14
C PHE B 265 -4.14 -2.46 38.36
N GLN B 266 -3.47 -2.04 39.40
CA GLN B 266 -3.38 -2.79 40.64
C GLN B 266 -4.65 -2.72 41.43
N GLU B 267 -5.43 -1.69 41.22
CA GLU B 267 -6.68 -1.51 41.92
C GLU B 267 -7.84 -2.15 41.23
N SER B 268 -7.66 -2.59 40.01
CA SER B 268 -8.76 -3.16 39.25
C SER B 268 -9.19 -4.60 39.46
N SER B 269 -10.48 -4.76 39.59
CA SER B 269 -11.13 -6.04 39.72
C SER B 269 -11.02 -6.70 38.35
N ILE B 270 -10.74 -7.98 38.34
CA ILE B 270 -10.55 -8.71 37.09
C ILE B 270 -11.78 -9.23 36.39
N SER B 271 -12.86 -8.46 36.35
CA SER B 271 -14.06 -8.93 35.71
C SER B 271 -13.89 -9.10 34.21
N ASP B 272 -14.25 -10.28 33.72
CA ASP B 272 -14.13 -10.61 32.29
C ASP B 272 -15.29 -11.48 31.81
#